data_5ZCB
#
_entry.id   5ZCB
#
_cell.length_a   54.893
_cell.length_b   84.856
_cell.length_c   128.429
_cell.angle_alpha   90.00
_cell.angle_beta   90.00
_cell.angle_gamma   90.00
#
_symmetry.space_group_name_H-M   'P 21 21 21'
#
loop_
_entity.id
_entity.type
_entity.pdbx_description
1 polymer Alpha-glucosidase
2 non-polymer 'CALCIUM ION'
3 water water
#
_entity_poly.entity_id   1
_entity_poly.type   'polypeptide(L)'
_entity_poly.pdbx_seq_one_letter_code
;MEKKWWKEAVAYQIYPRSFMDSNGDGIGDIQGVISKLDYLSDLGIDVIWICPIYQSPNDDNGYDISDYKDIMKDFGTMED
FDELLDEVHHRGMKLIMDLVINHTSDEHPWFLESRSAKENPYRDYYIWHEGKDGKEPNNWESIFSGSAWEFDEKTKEYYM
HVFSKKQPDLNWENEKVRHELYEMVNWWLDKGIDGFRVDAISHIKKVAGFPDLPNPEKLDYVPSFEGHMNRPGIQEHLKE
LKEKTFAKYDIMTVGEANGVTSDSADEWVAEDGGNFNMIFQFEHMGLWDKGEEKPLDLIELKTILTNWQNGLEKINGWNA
LYLENHDQIRSVNKFGSTAYRVESAKCLAALYFLMKGTPFIYQGQELGMTNVKFDSIDDYDDVGMINYYRIQREKGDSHD
EIMKVIWETGRDNSRTPMQWNTEKNAGFSTGNPWMKVNPNYVDINVEEQKSDKNSVLNFYKQLIKIRKQHDVLVYGTYKL
LAEEDSAIYAYTRTLEGKTAVVICNMSPNNQTFEFPSESSFTNIEVLIHNYPLDKNETLEQCTLHPYETRVYLIS
;
_entity_poly.pdbx_strand_id   A
#
# COMPACT_ATOMS: atom_id res chain seq x y z
N LYS A 4 9.15 -18.85 5.03
CA LYS A 4 10.41 -18.27 5.45
C LYS A 4 11.10 -17.57 4.27
N TRP A 5 10.77 -17.97 3.05
CA TRP A 5 11.30 -17.27 1.89
C TRP A 5 10.65 -15.88 1.77
N TRP A 6 9.42 -15.76 2.26
CA TRP A 6 8.73 -14.47 2.21
C TRP A 6 9.21 -13.55 3.33
N LYS A 7 9.93 -14.11 4.30
CA LYS A 7 10.55 -13.30 5.34
C LYS A 7 11.78 -12.59 4.81
N GLU A 8 12.51 -13.25 3.91
CA GLU A 8 13.76 -12.71 3.39
C GLU A 8 13.54 -11.91 2.11
N ALA A 9 12.32 -11.93 1.61
CA ALA A 9 12.00 -11.30 0.33
C ALA A 9 11.93 -9.78 0.42
N VAL A 10 12.29 -9.12 -0.67
CA VAL A 10 12.02 -7.70 -0.85
C VAL A 10 10.94 -7.56 -1.92
N ALA A 11 9.87 -6.86 -1.58
CA ALA A 11 8.74 -6.75 -2.51
C ALA A 11 8.69 -5.39 -3.20
N TYR A 12 8.21 -5.41 -4.43
CA TYR A 12 8.03 -4.20 -5.23
C TYR A 12 6.59 -4.13 -5.68
N GLN A 13 5.92 -3.01 -5.40
CA GLN A 13 4.52 -2.86 -5.80
C GLN A 13 4.38 -2.12 -7.12
N ILE A 14 3.70 -2.75 -8.06
CA ILE A 14 3.45 -2.14 -9.36
C ILE A 14 2.01 -1.66 -9.48
N TYR A 15 1.85 -0.39 -9.85
CA TYR A 15 0.55 0.16 -10.20
C TYR A 15 0.48 0.19 -11.72
N PRO A 16 0.01 -0.92 -12.32
CA PRO A 16 0.16 -1.24 -13.74
C PRO A 16 -0.30 -0.13 -14.69
N ARG A 17 -1.34 0.60 -14.29
CA ARG A 17 -1.89 1.66 -15.14
C ARG A 17 -0.88 2.80 -15.32
N SER A 18 0.06 2.93 -14.39
CA SER A 18 1.02 4.03 -14.41
C SER A 18 2.46 3.56 -14.48
N PHE A 19 2.67 2.27 -14.72
CA PHE A 19 4.03 1.74 -14.76
C PHE A 19 4.67 1.93 -16.15
N MET A 20 4.14 1.23 -17.15
CA MET A 20 4.66 1.36 -18.51
C MET A 20 3.62 1.06 -19.58
N ASP A 21 3.46 2.00 -20.51
CA ASP A 21 2.56 1.83 -21.65
C ASP A 21 3.35 1.42 -22.89
N SER A 22 2.92 0.37 -23.56
CA SER A 22 3.69 -0.19 -24.67
C SER A 22 3.04 -0.03 -26.03
N ASN A 23 1.81 0.49 -26.07
CA ASN A 23 1.12 0.63 -27.35
C ASN A 23 0.57 2.04 -27.60
N GLY A 24 0.96 2.98 -26.74
CA GLY A 24 0.71 4.39 -26.98
C GLY A 24 -0.71 4.90 -26.86
N ASP A 25 -1.46 4.37 -25.89
CA ASP A 25 -2.80 4.86 -25.63
C ASP A 25 -2.86 5.64 -24.32
N GLY A 26 -1.70 5.87 -23.72
CA GLY A 26 -1.59 6.63 -22.48
C GLY A 26 -1.89 5.81 -21.25
N ILE A 27 -2.22 4.54 -21.44
CA ILE A 27 -2.56 3.64 -20.35
C ILE A 27 -1.51 2.54 -20.22
N GLY A 28 -0.99 2.34 -19.01
CA GLY A 28 -0.02 1.28 -18.76
C GLY A 28 -0.63 -0.09 -18.99
N ASP A 29 0.20 -1.06 -19.36
CA ASP A 29 -0.28 -2.40 -19.65
C ASP A 29 0.72 -3.48 -19.24
N ILE A 30 0.30 -4.74 -19.39
CA ILE A 30 1.10 -5.88 -18.96
C ILE A 30 2.40 -6.00 -19.77
N GLN A 31 2.29 -5.87 -21.09
CA GLN A 31 3.47 -5.91 -21.95
C GLN A 31 4.43 -4.80 -21.60
N GLY A 32 3.89 -3.70 -21.08
CA GLY A 32 4.71 -2.62 -20.56
C GLY A 32 5.52 -3.10 -19.37
N VAL A 33 4.87 -3.81 -18.46
CA VAL A 33 5.53 -4.38 -17.30
C VAL A 33 6.61 -5.37 -17.71
N ILE A 34 6.30 -6.23 -18.68
CA ILE A 34 7.23 -7.23 -19.18
C ILE A 34 8.52 -6.59 -19.70
N SER A 35 8.38 -5.45 -20.37
CA SER A 35 9.53 -4.78 -20.97
C SER A 35 10.49 -4.18 -19.95
N LYS A 36 10.06 -4.10 -18.69
CA LYS A 36 10.88 -3.47 -17.65
C LYS A 36 11.22 -4.44 -16.52
N LEU A 37 11.15 -5.74 -16.81
CA LEU A 37 11.46 -6.76 -15.81
C LEU A 37 12.95 -6.78 -15.48
N ASP A 38 13.78 -6.43 -16.46
CA ASP A 38 15.22 -6.32 -16.25
C ASP A 38 15.52 -5.31 -15.14
N TYR A 39 14.82 -4.19 -15.19
CA TYR A 39 14.97 -3.13 -14.20
C TYR A 39 14.71 -3.63 -12.79
N LEU A 40 13.61 -4.36 -12.62
CA LEU A 40 13.24 -4.89 -11.31
C LEU A 40 14.17 -6.01 -10.88
N SER A 41 14.60 -6.82 -11.84
CA SER A 41 15.51 -7.92 -11.56
C SER A 41 16.87 -7.39 -11.09
N ASP A 42 17.36 -6.37 -11.78
CA ASP A 42 18.66 -5.79 -11.45
C ASP A 42 18.61 -5.00 -10.15
N LEU A 43 17.41 -4.55 -9.76
CA LEU A 43 17.22 -3.85 -8.50
C LEU A 43 17.42 -4.81 -7.33
N GLY A 44 17.07 -6.08 -7.53
CA GLY A 44 17.23 -7.10 -6.51
C GLY A 44 15.92 -7.54 -5.90
N ILE A 45 14.82 -7.15 -6.56
CA ILE A 45 13.47 -7.48 -6.09
C ILE A 45 13.21 -8.98 -6.12
N ASP A 46 12.64 -9.50 -5.04
CA ASP A 46 12.32 -10.92 -4.94
C ASP A 46 10.88 -11.20 -5.30
N VAL A 47 9.98 -10.31 -4.87
CA VAL A 47 8.55 -10.51 -5.06
C VAL A 47 7.90 -9.29 -5.72
N ILE A 48 7.10 -9.54 -6.75
CA ILE A 48 6.35 -8.47 -7.40
C ILE A 48 4.87 -8.55 -7.08
N TRP A 49 4.35 -7.51 -6.42
CA TRP A 49 2.91 -7.37 -6.20
C TRP A 49 2.34 -6.45 -7.27
N ILE A 50 1.39 -6.97 -8.04
CA ILE A 50 0.74 -6.17 -9.06
C ILE A 50 -0.69 -5.83 -8.64
N CYS A 51 -1.07 -4.57 -8.83
CA CYS A 51 -2.41 -4.10 -8.52
C CYS A 51 -3.41 -4.76 -9.48
N PRO A 52 -4.72 -4.75 -9.14
CA PRO A 52 -5.72 -5.47 -9.93
C PRO A 52 -5.61 -5.28 -11.44
N ILE A 53 -5.63 -6.40 -12.17
CA ILE A 53 -5.52 -6.40 -13.62
C ILE A 53 -6.69 -7.13 -14.25
N TYR A 54 -7.76 -7.26 -13.48
CA TYR A 54 -8.94 -8.00 -13.91
C TYR A 54 -9.89 -7.09 -14.68
N GLN A 55 -10.84 -7.70 -15.39
CA GLN A 55 -11.87 -6.98 -16.10
C GLN A 55 -12.58 -5.99 -15.17
N SER A 56 -12.65 -4.73 -15.58
CA SER A 56 -13.15 -3.67 -14.70
C SER A 56 -13.59 -2.44 -15.48
N PRO A 57 -14.69 -1.81 -15.03
CA PRO A 57 -15.14 -0.52 -15.57
C PRO A 57 -14.21 0.63 -15.18
N ASN A 58 -13.33 0.37 -14.22
CA ASN A 58 -12.33 1.32 -13.74
C ASN A 58 -12.93 2.59 -13.11
N ASP A 59 -13.99 2.43 -12.33
CA ASP A 59 -14.49 3.53 -11.55
C ASP A 59 -13.60 3.73 -10.34
N ASP A 60 -12.85 2.68 -9.99
CA ASP A 60 -11.86 2.73 -8.93
C ASP A 60 -10.55 2.11 -9.42
N ASN A 61 -10.29 2.26 -10.71
CA ASN A 61 -9.05 1.81 -11.33
C ASN A 61 -8.68 0.35 -11.05
N GLY A 62 -9.62 -0.55 -11.33
CA GLY A 62 -9.34 -1.98 -11.21
C GLY A 62 -9.90 -2.63 -9.97
N TYR A 63 -10.17 -1.83 -8.94
CA TYR A 63 -10.68 -2.37 -7.68
C TYR A 63 -12.20 -2.54 -7.73
N ASP A 64 -12.78 -2.33 -8.91
CA ASP A 64 -14.18 -2.68 -9.16
C ASP A 64 -14.24 -3.74 -10.26
N ILE A 65 -14.29 -5.01 -9.84
CA ILE A 65 -14.11 -6.12 -10.77
C ILE A 65 -15.43 -6.69 -11.28
N SER A 66 -15.53 -6.85 -12.60
CA SER A 66 -16.73 -7.40 -13.22
C SER A 66 -16.50 -8.82 -13.75
N ASP A 67 -15.25 -9.29 -13.67
CA ASP A 67 -14.93 -10.68 -14.00
C ASP A 67 -13.58 -11.05 -13.37
N TYR A 68 -13.63 -11.96 -12.41
CA TYR A 68 -12.44 -12.35 -11.65
C TYR A 68 -11.47 -13.21 -12.46
N LYS A 69 -11.94 -13.80 -13.54
CA LYS A 69 -11.11 -14.73 -14.30
C LYS A 69 -10.79 -14.22 -15.71
N ASP A 70 -10.96 -12.93 -15.92
CA ASP A 70 -10.64 -12.31 -17.19
C ASP A 70 -9.76 -11.08 -16.97
N ILE A 71 -8.84 -10.82 -17.89
CA ILE A 71 -7.95 -9.67 -17.78
C ILE A 71 -8.62 -8.42 -18.33
N MET A 72 -8.41 -7.30 -17.63
CA MET A 72 -8.82 -5.98 -18.10
C MET A 72 -8.35 -5.76 -19.53
N LYS A 73 -9.25 -5.32 -20.39
CA LYS A 73 -8.94 -5.17 -21.80
C LYS A 73 -7.84 -4.14 -22.05
N ASP A 74 -7.82 -3.09 -21.22
CA ASP A 74 -6.79 -2.05 -21.31
C ASP A 74 -5.39 -2.62 -21.08
N PHE A 75 -5.30 -3.67 -20.27
CA PHE A 75 -4.01 -4.22 -19.86
C PHE A 75 -3.54 -5.31 -20.81
N GLY A 76 -4.48 -6.05 -21.39
CA GLY A 76 -4.14 -7.12 -22.31
C GLY A 76 -5.08 -8.31 -22.20
N THR A 77 -4.55 -9.50 -22.48
CA THR A 77 -5.34 -10.72 -22.39
C THR A 77 -4.74 -11.69 -21.39
N MET A 78 -5.38 -12.84 -21.21
CA MET A 78 -4.89 -13.85 -20.29
C MET A 78 -3.55 -14.41 -20.76
N GLU A 79 -3.34 -14.41 -22.08
CA GLU A 79 -2.08 -14.88 -22.62
C GLU A 79 -0.94 -13.95 -22.24
N ASP A 80 -1.22 -12.65 -22.23
CA ASP A 80 -0.22 -11.66 -21.81
C ASP A 80 0.14 -11.88 -20.35
N PHE A 81 -0.86 -12.14 -19.53
CA PHE A 81 -0.62 -12.45 -18.12
C PHE A 81 0.24 -13.70 -17.97
N ASP A 82 -0.14 -14.76 -18.67
CA ASP A 82 0.62 -16.00 -18.67
C ASP A 82 2.07 -15.75 -19.05
N GLU A 83 2.27 -14.89 -20.05
CA GLU A 83 3.62 -14.51 -20.47
C GLU A 83 4.34 -13.77 -19.37
N LEU A 84 3.62 -12.86 -18.71
CA LEU A 84 4.18 -12.08 -17.61
C LEU A 84 4.60 -12.98 -16.45
N LEU A 85 3.75 -13.92 -16.09
CA LEU A 85 4.03 -14.83 -15.00
C LEU A 85 5.20 -15.76 -15.34
N ASP A 86 5.24 -16.21 -16.59
CA ASP A 86 6.30 -17.08 -17.07
C ASP A 86 7.64 -16.36 -17.09
N GLU A 87 7.62 -15.10 -17.49
CA GLU A 87 8.84 -14.30 -17.59
C GLU A 87 9.33 -13.85 -16.22
N VAL A 88 8.40 -13.55 -15.32
CA VAL A 88 8.73 -13.21 -13.95
C VAL A 88 9.38 -14.40 -13.24
N HIS A 89 8.81 -15.58 -13.44
CA HIS A 89 9.28 -16.77 -12.77
C HIS A 89 10.65 -17.23 -13.26
N HIS A 90 10.93 -16.98 -14.54
CA HIS A 90 12.22 -17.37 -15.10
C HIS A 90 13.34 -16.41 -14.69
N ARG A 91 12.97 -15.24 -14.20
CA ARG A 91 13.95 -14.26 -13.74
C ARG A 91 14.20 -14.37 -12.24
N GLY A 92 13.79 -15.50 -11.65
CA GLY A 92 14.02 -15.75 -10.24
C GLY A 92 13.22 -14.83 -9.33
N MET A 93 12.02 -14.47 -9.76
CA MET A 93 11.14 -13.62 -8.97
C MET A 93 9.78 -14.27 -8.80
N LYS A 94 9.02 -13.78 -7.82
CA LYS A 94 7.67 -14.29 -7.58
C LYS A 94 6.63 -13.20 -7.80
N LEU A 95 5.42 -13.63 -8.17
CA LEU A 95 4.34 -12.69 -8.41
C LEU A 95 3.16 -12.97 -7.49
N ILE A 96 2.70 -11.94 -6.77
CA ILE A 96 1.48 -12.06 -6.01
C ILE A 96 0.44 -11.09 -6.56
N MET A 97 -0.81 -11.52 -6.56
CA MET A 97 -1.89 -10.73 -7.14
C MET A 97 -2.67 -9.99 -6.08
N ASP A 98 -3.52 -9.06 -6.50
CA ASP A 98 -4.38 -8.32 -5.59
C ASP A 98 -5.74 -9.01 -5.50
N LEU A 99 -6.09 -9.48 -4.32
CA LEU A 99 -7.35 -10.18 -4.12
C LEU A 99 -8.42 -9.24 -3.56
N VAL A 100 -9.42 -8.96 -4.38
CA VAL A 100 -10.45 -7.98 -4.04
C VAL A 100 -11.81 -8.64 -3.86
N ILE A 101 -12.11 -9.04 -2.63
CA ILE A 101 -13.33 -9.82 -2.37
C ILE A 101 -14.23 -9.24 -1.28
N ASN A 102 -14.05 -7.94 -0.98
CA ASN A 102 -14.99 -7.25 -0.11
C ASN A 102 -16.19 -6.78 -0.91
N HIS A 103 -15.97 -6.65 -2.21
CA HIS A 103 -16.95 -6.05 -3.11
C HIS A 103 -16.64 -6.39 -4.56
N THR A 104 -17.62 -6.20 -5.43
CA THR A 104 -17.40 -6.36 -6.86
C THR A 104 -17.88 -5.11 -7.59
N SER A 105 -17.70 -5.09 -8.90
CA SER A 105 -18.29 -4.04 -9.72
C SER A 105 -19.80 -4.21 -9.73
N ASP A 106 -20.53 -3.13 -10.03
CA ASP A 106 -21.97 -3.23 -10.16
C ASP A 106 -22.32 -3.77 -11.54
N GLU A 107 -21.29 -4.04 -12.33
CA GLU A 107 -21.46 -4.61 -13.66
C GLU A 107 -21.07 -6.09 -13.67
N HIS A 108 -20.67 -6.59 -12.50
CA HIS A 108 -20.40 -8.01 -12.34
C HIS A 108 -21.70 -8.77 -12.51
N PRO A 109 -21.68 -9.88 -13.28
CA PRO A 109 -22.87 -10.68 -13.57
C PRO A 109 -23.68 -11.04 -12.33
N TRP A 110 -23.02 -11.30 -11.21
CA TRP A 110 -23.71 -11.57 -9.94
C TRP A 110 -24.65 -10.42 -9.59
N PHE A 111 -24.16 -9.19 -9.68
CA PHE A 111 -24.92 -8.03 -9.24
C PHE A 111 -25.98 -7.61 -10.25
N LEU A 112 -25.71 -7.82 -11.53
CA LEU A 112 -26.70 -7.52 -12.56
C LEU A 112 -27.92 -8.41 -12.36
N GLU A 113 -27.67 -9.66 -11.99
CA GLU A 113 -28.74 -10.58 -11.65
C GLU A 113 -29.37 -10.21 -10.32
N SER A 114 -28.53 -9.78 -9.38
CA SER A 114 -28.97 -9.44 -8.03
C SER A 114 -29.94 -8.26 -8.01
N ARG A 115 -29.70 -7.29 -8.89
CA ARG A 115 -30.51 -6.08 -8.94
C ARG A 115 -31.70 -6.20 -9.89
N SER A 116 -31.81 -7.35 -10.55
CA SER A 116 -32.82 -7.54 -11.58
C SER A 116 -34.22 -7.75 -10.99
N ALA A 117 -34.28 -8.28 -9.77
CA ALA A 117 -35.56 -8.51 -9.09
C ALA A 117 -35.33 -8.64 -7.59
N LYS A 118 -36.35 -8.30 -6.81
CA LYS A 118 -36.24 -8.34 -5.36
C LYS A 118 -36.00 -9.76 -4.87
N GLU A 119 -36.49 -10.73 -5.63
CA GLU A 119 -36.23 -12.13 -5.36
C GLU A 119 -35.57 -12.79 -6.56
N ASN A 120 -34.35 -13.27 -6.36
CA ASN A 120 -33.61 -14.02 -7.36
C ASN A 120 -32.45 -14.71 -6.64
N PRO A 121 -31.90 -15.79 -7.22
CA PRO A 121 -30.90 -16.57 -6.49
C PRO A 121 -29.64 -15.78 -6.10
N TYR A 122 -29.43 -14.62 -6.71
CA TYR A 122 -28.23 -13.84 -6.45
C TYR A 122 -28.50 -12.58 -5.64
N ARG A 123 -29.73 -12.44 -5.15
CA ARG A 123 -30.12 -11.23 -4.43
C ARG A 123 -29.31 -11.02 -3.16
N ASP A 124 -29.17 -12.06 -2.35
CA ASP A 124 -28.45 -11.91 -1.09
C ASP A 124 -26.97 -12.25 -1.25
N TYR A 125 -26.48 -12.17 -2.48
CA TYR A 125 -25.04 -12.15 -2.74
C TYR A 125 -24.47 -10.81 -2.31
N TYR A 126 -25.36 -9.81 -2.25
CA TYR A 126 -24.98 -8.47 -1.84
C TYR A 126 -25.86 -8.01 -0.70
N ILE A 127 -25.65 -6.78 -0.23
CA ILE A 127 -26.35 -6.28 0.94
C ILE A 127 -27.44 -5.29 0.56
N TRP A 128 -28.69 -5.75 0.64
CA TRP A 128 -29.84 -4.92 0.32
C TRP A 128 -30.64 -4.56 1.56
N HIS A 129 -31.29 -3.40 1.53
CA HIS A 129 -32.15 -2.98 2.64
C HIS A 129 -33.17 -1.94 2.18
N GLU A 130 -34.39 -2.05 2.71
CA GLU A 130 -35.43 -1.06 2.46
C GLU A 130 -35.06 0.23 3.19
N GLY A 131 -35.54 1.37 2.68
CA GLY A 131 -35.20 2.65 3.27
C GLY A 131 -35.83 2.90 4.62
N LYS A 132 -35.42 3.99 5.26
CA LYS A 132 -36.00 4.40 6.54
C LYS A 132 -36.45 5.85 6.47
N ASP A 133 -37.73 6.09 6.73
CA ASP A 133 -38.31 7.43 6.71
C ASP A 133 -38.08 8.14 5.38
N GLY A 134 -38.27 7.41 4.29
CA GLY A 134 -38.10 7.96 2.96
C GLY A 134 -36.66 8.29 2.62
N LYS A 135 -35.75 7.79 3.44
CA LYS A 135 -34.32 8.02 3.24
C LYS A 135 -33.55 6.70 3.24
N GLU A 136 -32.23 6.79 3.36
CA GLU A 136 -31.38 5.60 3.40
C GLU A 136 -31.66 4.77 4.64
N PRO A 137 -31.31 3.46 4.60
CA PRO A 137 -31.46 2.58 5.77
C PRO A 137 -30.78 3.13 7.03
N ASN A 138 -29.61 3.74 6.88
CA ASN A 138 -28.93 4.36 8.01
C ASN A 138 -28.11 5.60 7.60
N ASN A 139 -27.37 6.16 8.55
CA ASN A 139 -26.63 7.39 8.31
C ASN A 139 -25.17 7.17 7.93
N TRP A 140 -24.82 5.95 7.55
CA TRP A 140 -23.45 5.61 7.21
C TRP A 140 -22.92 6.34 6.00
N GLU A 141 -21.73 6.92 6.13
CA GLU A 141 -21.05 7.56 5.01
C GLU A 141 -20.13 6.57 4.30
N SER A 142 -20.07 6.66 2.98
CA SER A 142 -19.11 5.88 2.23
C SER A 142 -17.71 6.46 2.43
N ILE A 143 -16.70 5.60 2.32
CA ILE A 143 -15.32 6.03 2.49
C ILE A 143 -14.95 7.04 1.40
N PHE A 144 -15.61 6.93 0.25
CA PHE A 144 -15.44 7.89 -0.83
C PHE A 144 -16.50 8.98 -0.79
N SER A 145 -16.91 9.35 0.43
CA SER A 145 -17.90 10.40 0.68
C SER A 145 -19.29 10.08 0.14
N GLY A 146 -20.29 10.82 0.61
CA GLY A 146 -21.67 10.59 0.23
C GLY A 146 -22.28 9.46 1.04
N SER A 147 -23.48 9.03 0.66
CA SER A 147 -24.14 7.93 1.34
C SER A 147 -23.46 6.60 1.05
N ALA A 148 -23.49 5.70 2.02
CA ALA A 148 -22.96 4.36 1.83
C ALA A 148 -24.04 3.45 1.22
N TRP A 149 -25.19 4.06 0.90
CA TRP A 149 -26.31 3.34 0.31
C TRP A 149 -26.73 3.95 -1.01
N GLU A 150 -26.91 3.11 -2.02
CA GLU A 150 -27.40 3.56 -3.31
C GLU A 150 -28.78 2.98 -3.59
N PHE A 151 -29.71 3.83 -3.99
CA PHE A 151 -31.08 3.40 -4.24
C PHE A 151 -31.23 2.75 -5.61
N ASP A 152 -31.90 1.61 -5.65
CA ASP A 152 -32.23 0.95 -6.91
C ASP A 152 -33.70 1.14 -7.23
N GLU A 153 -33.98 1.85 -8.31
CA GLU A 153 -35.35 2.22 -8.67
C GLU A 153 -36.23 1.02 -8.98
N LYS A 154 -35.65 -0.01 -9.58
CA LYS A 154 -36.41 -1.17 -10.04
C LYS A 154 -36.98 -2.01 -8.88
N THR A 155 -36.17 -2.26 -7.86
CA THR A 155 -36.58 -3.11 -6.76
C THR A 155 -36.96 -2.34 -5.51
N LYS A 156 -36.90 -1.01 -5.60
CA LYS A 156 -37.30 -0.12 -4.51
C LYS A 156 -36.55 -0.41 -3.20
N GLU A 157 -35.25 -0.65 -3.32
CA GLU A 157 -34.40 -0.89 -2.15
C GLU A 157 -33.01 -0.30 -2.33
N TYR A 158 -32.29 -0.18 -1.23
CA TYR A 158 -30.92 0.33 -1.25
C TYR A 158 -29.90 -0.80 -1.19
N TYR A 159 -28.78 -0.64 -1.88
CA TYR A 159 -27.67 -1.57 -1.72
C TYR A 159 -26.49 -0.85 -1.10
N MET A 160 -25.70 -1.56 -0.30
CA MET A 160 -24.61 -0.95 0.44
C MET A 160 -23.30 -0.94 -0.34
N HIS A 161 -22.58 0.18 -0.26
CA HIS A 161 -21.23 0.26 -0.78
C HIS A 161 -20.35 1.08 0.15
N VAL A 162 -19.38 0.41 0.78
CA VAL A 162 -18.43 1.07 1.67
C VAL A 162 -17.61 2.07 0.86
N PHE A 163 -17.32 1.72 -0.39
CA PHE A 163 -16.54 2.58 -1.25
C PHE A 163 -17.44 3.25 -2.29
N SER A 164 -17.06 3.19 -3.56
CA SER A 164 -17.80 3.92 -4.60
C SER A 164 -19.16 3.31 -4.89
N LYS A 165 -20.00 4.07 -5.58
CA LYS A 165 -21.35 3.63 -5.94
C LYS A 165 -21.33 2.38 -6.80
N LYS A 166 -20.29 2.24 -7.62
CA LYS A 166 -20.18 1.12 -8.53
C LYS A 166 -19.38 -0.02 -7.90
N GLN A 167 -19.33 -0.03 -6.56
CA GLN A 167 -18.68 -1.11 -5.82
C GLN A 167 -19.57 -1.64 -4.70
N PRO A 168 -20.64 -2.37 -5.06
CA PRO A 168 -21.51 -2.97 -4.05
C PRO A 168 -20.80 -4.02 -3.20
N ASP A 169 -20.94 -3.91 -1.89
CA ASP A 169 -20.31 -4.86 -0.96
C ASP A 169 -20.90 -6.27 -1.07
N LEU A 170 -20.01 -7.26 -1.12
CA LEU A 170 -20.44 -8.66 -1.10
C LEU A 170 -20.96 -9.03 0.29
N ASN A 171 -21.89 -9.97 0.34
CA ASN A 171 -22.48 -10.39 1.59
C ASN A 171 -21.80 -11.65 2.12
N TRP A 172 -20.89 -11.47 3.07
CA TRP A 172 -20.10 -12.58 3.59
C TRP A 172 -20.85 -13.45 4.60
N GLU A 173 -22.12 -13.10 4.87
CA GLU A 173 -22.95 -13.93 5.73
C GLU A 173 -23.63 -15.02 4.91
N ASN A 174 -23.55 -14.90 3.59
CA ASN A 174 -24.10 -15.89 2.68
C ASN A 174 -23.02 -16.93 2.31
N GLU A 175 -23.28 -18.19 2.61
CA GLU A 175 -22.31 -19.25 2.39
C GLU A 175 -22.09 -19.54 0.91
N LYS A 176 -23.07 -19.23 0.08
CA LYS A 176 -22.94 -19.45 -1.35
C LYS A 176 -21.96 -18.44 -1.95
N VAL A 177 -21.93 -17.24 -1.37
CA VAL A 177 -20.98 -16.21 -1.77
C VAL A 177 -19.57 -16.63 -1.43
N ARG A 178 -19.38 -17.08 -0.19
CA ARG A 178 -18.06 -17.52 0.28
C ARG A 178 -17.54 -18.67 -0.56
N HIS A 179 -18.43 -19.62 -0.86
CA HIS A 179 -18.07 -20.80 -1.64
C HIS A 179 -17.57 -20.42 -3.03
N GLU A 180 -18.28 -19.50 -3.69
CA GLU A 180 -17.89 -19.07 -5.03
C GLU A 180 -16.56 -18.31 -5.00
N LEU A 181 -16.36 -17.52 -3.95
CA LEU A 181 -15.11 -16.78 -3.79
C LEU A 181 -13.94 -17.73 -3.57
N TYR A 182 -14.14 -18.72 -2.70
CA TYR A 182 -13.10 -19.72 -2.42
C TYR A 182 -12.69 -20.46 -3.69
N GLU A 183 -13.68 -20.79 -4.53
CA GLU A 183 -13.42 -21.47 -5.78
C GLU A 183 -12.58 -20.59 -6.71
N MET A 184 -12.94 -19.32 -6.77
CA MET A 184 -12.24 -18.36 -7.63
C MET A 184 -10.80 -18.18 -7.20
N VAL A 185 -10.58 -18.09 -5.89
CA VAL A 185 -9.25 -17.90 -5.33
C VAL A 185 -8.35 -19.08 -5.66
N ASN A 186 -8.84 -20.29 -5.44
CA ASN A 186 -8.07 -21.49 -5.73
C ASN A 186 -7.81 -21.67 -7.22
N TRP A 187 -8.67 -21.09 -8.05
CA TRP A 187 -8.49 -21.13 -9.49
C TRP A 187 -7.20 -20.41 -9.89
N TRP A 188 -6.94 -19.28 -9.24
CA TRP A 188 -5.74 -18.49 -9.51
C TRP A 188 -4.50 -19.14 -8.92
N LEU A 189 -4.64 -19.74 -7.75
CA LEU A 189 -3.51 -20.38 -7.08
C LEU A 189 -3.04 -21.62 -7.83
N ASP A 190 -3.98 -22.24 -8.55
CA ASP A 190 -3.65 -23.41 -9.38
C ASP A 190 -2.84 -23.01 -10.61
N LYS A 191 -2.93 -21.74 -10.98
CA LYS A 191 -2.17 -21.24 -12.14
C LYS A 191 -0.69 -21.06 -11.78
N GLY A 192 -0.39 -21.05 -10.50
CA GLY A 192 0.98 -20.99 -10.04
C GLY A 192 1.46 -19.62 -9.60
N ILE A 193 0.52 -18.72 -9.30
CA ILE A 193 0.89 -17.43 -8.70
C ILE A 193 1.39 -17.69 -7.30
N ASP A 194 2.08 -16.73 -6.71
CA ASP A 194 2.81 -16.98 -5.47
C ASP A 194 2.14 -16.39 -4.23
N GLY A 195 0.94 -15.86 -4.39
CA GLY A 195 0.20 -15.37 -3.25
C GLY A 195 -0.70 -14.19 -3.54
N PHE A 196 -1.15 -13.52 -2.49
CA PHE A 196 -2.09 -12.43 -2.61
C PHE A 196 -1.81 -11.28 -1.66
N ARG A 197 -2.01 -10.07 -2.15
CA ARG A 197 -2.30 -8.94 -1.27
C ARG A 197 -3.82 -8.88 -1.19
N VAL A 198 -4.37 -9.00 0.01
CA VAL A 198 -5.81 -9.10 0.16
C VAL A 198 -6.45 -7.75 0.46
N ASP A 199 -7.12 -7.19 -0.55
CA ASP A 199 -7.66 -5.83 -0.50
C ASP A 199 -8.84 -5.67 0.46
N ALA A 200 -8.76 -4.64 1.30
CA ALA A 200 -9.85 -4.22 2.18
C ALA A 200 -10.49 -5.37 2.95
N ILE A 201 -9.68 -6.33 3.36
CA ILE A 201 -10.16 -7.56 3.97
C ILE A 201 -10.77 -7.32 5.36
N SER A 202 -10.46 -6.19 5.97
CA SER A 202 -10.97 -5.88 7.30
C SER A 202 -12.36 -5.23 7.26
N HIS A 203 -12.91 -5.07 6.05
CA HIS A 203 -14.21 -4.43 5.89
C HIS A 203 -15.34 -5.42 5.59
N ILE A 204 -15.07 -6.71 5.68
CA ILE A 204 -16.03 -7.72 5.23
C ILE A 204 -17.11 -8.05 6.26
N LYS A 205 -16.85 -7.79 7.54
CA LYS A 205 -17.84 -8.05 8.57
C LYS A 205 -18.60 -6.77 8.94
N LYS A 206 -19.90 -6.78 8.68
CA LYS A 206 -20.75 -5.65 9.04
C LYS A 206 -21.45 -5.93 10.37
N VAL A 207 -21.62 -4.89 11.18
CA VAL A 207 -22.42 -5.01 12.39
C VAL A 207 -23.84 -5.38 12.01
N ALA A 208 -24.31 -6.50 12.53
CA ALA A 208 -25.62 -7.06 12.16
C ALA A 208 -26.75 -6.06 12.38
N GLY A 209 -27.56 -5.87 11.35
CA GLY A 209 -28.68 -4.95 11.42
C GLY A 209 -28.33 -3.59 10.86
N PHE A 210 -27.03 -3.34 10.73
CA PHE A 210 -26.50 -2.06 10.23
C PHE A 210 -27.12 -0.85 10.93
N PRO A 211 -26.94 -0.76 12.26
CA PRO A 211 -27.60 0.33 13.01
C PRO A 211 -26.98 1.70 12.74
N ASP A 212 -27.75 2.75 13.00
CA ASP A 212 -27.25 4.11 12.90
C ASP A 212 -26.06 4.32 13.83
N LEU A 213 -25.16 5.22 13.44
CA LEU A 213 -24.02 5.54 14.28
C LEU A 213 -24.22 6.89 14.94
N PRO A 214 -23.57 7.11 16.09
CA PRO A 214 -23.65 8.40 16.78
C PRO A 214 -23.23 9.55 15.87
N ASN A 215 -24.04 10.61 15.86
CA ASN A 215 -23.78 11.77 15.01
C ASN A 215 -23.74 13.05 15.85
N PRO A 216 -22.64 13.24 16.60
CA PRO A 216 -22.52 14.34 17.57
C PRO A 216 -22.42 15.72 16.93
N GLU A 217 -22.14 15.77 15.63
CA GLU A 217 -21.97 17.04 14.93
C GLU A 217 -23.05 17.23 13.87
N LYS A 218 -24.01 16.32 13.83
CA LYS A 218 -25.17 16.41 12.95
C LYS A 218 -24.79 16.55 11.48
N LEU A 219 -23.89 15.68 11.03
CA LEU A 219 -23.51 15.62 9.62
C LEU A 219 -24.62 14.97 8.80
N ASP A 220 -24.57 15.17 7.49
CA ASP A 220 -25.52 14.52 6.60
C ASP A 220 -25.30 13.01 6.62
N TYR A 221 -24.03 12.62 6.63
CA TYR A 221 -23.66 11.21 6.74
C TYR A 221 -22.47 11.06 7.70
N VAL A 222 -22.38 9.90 8.34
CA VAL A 222 -21.39 9.66 9.38
C VAL A 222 -20.33 8.67 8.92
N PRO A 223 -19.04 9.01 9.12
CA PRO A 223 -17.94 8.06 8.88
C PRO A 223 -18.22 6.73 9.56
N SER A 224 -18.29 5.66 8.77
CA SER A 224 -18.90 4.42 9.25
C SER A 224 -17.92 3.31 9.59
N PHE A 225 -16.71 3.66 10.00
CA PHE A 225 -15.70 2.66 10.33
C PHE A 225 -16.15 1.74 11.47
N GLU A 226 -16.82 2.31 12.47
CA GLU A 226 -17.30 1.53 13.61
C GLU A 226 -18.44 0.59 13.21
N GLY A 227 -18.89 0.68 11.98
CA GLY A 227 -19.96 -0.17 11.49
C GLY A 227 -19.49 -1.34 10.65
N HIS A 228 -18.27 -1.27 10.12
CA HIS A 228 -17.82 -2.29 9.19
C HIS A 228 -16.31 -2.54 9.12
N MET A 229 -15.53 -1.94 10.01
CA MET A 229 -14.08 -2.15 9.96
C MET A 229 -13.55 -2.91 11.18
N ASN A 230 -12.98 -4.09 10.92
CA ASN A 230 -12.45 -4.97 11.96
C ASN A 230 -13.48 -5.24 13.06
N ARG A 231 -14.73 -5.46 12.65
CA ARG A 231 -15.81 -5.71 13.59
C ARG A 231 -15.74 -7.12 14.15
N PRO A 232 -16.22 -7.32 15.39
CA PRO A 232 -16.27 -8.65 16.01
C PRO A 232 -17.01 -9.66 15.13
N GLY A 233 -16.43 -10.85 14.98
CA GLY A 233 -17.01 -11.88 14.15
C GLY A 233 -16.30 -12.05 12.83
N ILE A 234 -15.39 -11.12 12.53
CA ILE A 234 -14.67 -11.13 11.25
C ILE A 234 -13.71 -12.30 11.14
N GLN A 235 -13.21 -12.78 12.27
CA GLN A 235 -12.19 -13.83 12.28
C GLN A 235 -12.78 -15.19 11.89
N GLU A 236 -14.08 -15.36 12.08
CA GLU A 236 -14.76 -16.58 11.67
C GLU A 236 -14.65 -16.76 10.16
N HIS A 237 -14.83 -15.66 9.43
CA HIS A 237 -14.75 -15.69 7.98
C HIS A 237 -13.31 -15.84 7.50
N LEU A 238 -12.40 -15.09 8.12
CA LEU A 238 -11.00 -15.11 7.73
C LEU A 238 -10.34 -16.46 7.98
N LYS A 239 -10.70 -17.09 9.08
CA LYS A 239 -10.18 -18.41 9.41
C LYS A 239 -10.65 -19.44 8.38
N GLU A 240 -11.90 -19.32 7.96
CA GLU A 240 -12.45 -20.20 6.93
C GLU A 240 -11.77 -19.94 5.59
N LEU A 241 -11.54 -18.66 5.28
CA LEU A 241 -10.88 -18.27 4.05
C LEU A 241 -9.50 -18.91 3.94
N LYS A 242 -8.75 -18.88 5.04
CA LYS A 242 -7.41 -19.49 5.06
C LYS A 242 -7.48 -20.99 4.88
N GLU A 243 -8.39 -21.63 5.62
CA GLU A 243 -8.53 -23.09 5.58
C GLU A 243 -8.97 -23.61 4.23
N LYS A 244 -9.80 -22.83 3.54
CA LYS A 244 -10.36 -23.27 2.25
C LYS A 244 -9.48 -22.91 1.07
N THR A 245 -8.61 -21.92 1.24
CA THR A 245 -7.78 -21.44 0.14
C THR A 245 -6.28 -21.44 0.45
N PHE A 246 -5.84 -20.44 1.21
CA PHE A 246 -4.41 -20.17 1.42
C PHE A 246 -3.61 -21.35 1.97
N ALA A 247 -4.16 -22.01 3.00
CA ALA A 247 -3.44 -23.05 3.71
C ALA A 247 -3.12 -24.28 2.86
N LYS A 248 -3.68 -24.33 1.66
CA LYS A 248 -3.47 -25.46 0.76
C LYS A 248 -2.25 -25.29 -0.12
N TYR A 249 -1.67 -24.08 -0.11
CA TYR A 249 -0.56 -23.77 -1.00
C TYR A 249 0.62 -23.16 -0.24
N ASP A 250 1.80 -23.23 -0.85
CA ASP A 250 2.98 -22.58 -0.30
C ASP A 250 3.09 -21.18 -0.87
N ILE A 251 2.31 -20.26 -0.31
CA ILE A 251 2.25 -18.89 -0.81
C ILE A 251 2.43 -17.89 0.32
N MET A 252 2.59 -16.62 -0.03
CA MET A 252 2.56 -15.58 0.98
C MET A 252 1.27 -14.77 0.83
N THR A 253 0.65 -14.47 1.97
CA THR A 253 -0.53 -13.62 1.98
C THR A 253 -0.28 -12.39 2.84
N VAL A 254 -0.58 -11.22 2.30
CA VAL A 254 -0.50 -10.00 3.07
C VAL A 254 -1.83 -9.26 2.99
N GLY A 255 -2.49 -9.12 4.14
CA GLY A 255 -3.81 -8.52 4.18
C GLY A 255 -3.79 -7.04 4.46
N GLU A 256 -4.48 -6.26 3.64
CA GLU A 256 -4.67 -4.85 3.93
C GLU A 256 -5.66 -4.74 5.09
N ALA A 257 -5.13 -4.59 6.30
CA ALA A 257 -5.96 -4.66 7.50
C ALA A 257 -6.01 -3.33 8.24
N ASN A 258 -6.72 -2.36 7.67
CA ASN A 258 -6.95 -1.09 8.33
C ASN A 258 -7.79 -1.26 9.60
N GLY A 259 -7.41 -0.57 10.67
CA GLY A 259 -8.16 -0.62 11.91
C GLY A 259 -7.64 -1.66 12.89
N VAL A 260 -6.50 -2.27 12.57
CA VAL A 260 -5.88 -3.23 13.46
C VAL A 260 -4.72 -2.59 14.20
N THR A 261 -4.72 -2.69 15.52
CA THR A 261 -3.65 -2.13 16.34
C THR A 261 -2.62 -3.19 16.69
N SER A 262 -1.50 -2.77 17.25
CA SER A 262 -0.40 -3.67 17.54
C SER A 262 -0.71 -4.64 18.68
N ASP A 263 -1.72 -4.32 19.49
CA ASP A 263 -2.08 -5.19 20.61
C ASP A 263 -3.21 -6.15 20.25
N SER A 264 -3.88 -5.89 19.13
CA SER A 264 -4.96 -6.76 18.67
C SER A 264 -4.65 -7.37 17.31
N ALA A 265 -3.36 -7.63 17.07
CA ALA A 265 -2.92 -8.17 15.78
C ALA A 265 -2.65 -9.66 15.86
N ASP A 266 -2.94 -10.26 17.02
CA ASP A 266 -2.62 -11.65 17.26
C ASP A 266 -3.26 -12.60 16.25
N GLU A 267 -4.57 -12.53 16.11
CA GLU A 267 -5.28 -13.49 15.28
C GLU A 267 -5.19 -13.15 13.80
N TRP A 268 -4.41 -12.13 13.47
CA TRP A 268 -4.15 -11.78 12.07
C TRP A 268 -2.84 -12.40 11.57
N VAL A 269 -1.77 -12.25 12.36
CA VAL A 269 -0.43 -12.55 11.86
C VAL A 269 0.43 -13.47 12.74
N ALA A 270 -0.12 -13.96 13.85
CA ALA A 270 0.66 -14.84 14.73
C ALA A 270 1.02 -16.13 13.99
N GLU A 271 2.23 -16.62 14.24
CA GLU A 271 2.72 -17.84 13.62
C GLU A 271 1.76 -19.00 13.87
N ASP A 272 1.23 -19.06 15.09
CA ASP A 272 0.27 -20.10 15.41
C ASP A 272 -1.16 -19.58 15.35
N GLY A 273 -1.85 -19.90 14.26
CA GLY A 273 -3.26 -19.57 14.14
C GLY A 273 -3.55 -18.33 13.32
N GLY A 274 -2.52 -17.58 12.95
CA GLY A 274 -2.72 -16.37 12.17
C GLY A 274 -3.30 -16.70 10.81
N ASN A 275 -4.18 -15.84 10.31
CA ASN A 275 -4.82 -16.09 9.02
C ASN A 275 -4.01 -15.51 7.86
N PHE A 276 -3.06 -14.64 8.17
CA PHE A 276 -2.20 -14.05 7.17
C PHE A 276 -0.74 -14.16 7.62
N ASN A 277 0.17 -14.18 6.65
CA ASN A 277 1.59 -14.18 6.97
C ASN A 277 2.01 -12.82 7.52
N MET A 278 1.39 -11.77 6.98
CA MET A 278 1.62 -10.41 7.44
C MET A 278 0.46 -9.51 7.03
N ILE A 279 0.38 -8.33 7.61
CA ILE A 279 -0.65 -7.37 7.22
C ILE A 279 -0.09 -5.97 7.01
N PHE A 280 -0.77 -5.19 6.17
CA PHE A 280 -0.52 -3.77 6.07
C PHE A 280 -1.30 -3.04 7.14
N GLN A 281 -0.61 -2.55 8.16
CA GLN A 281 -1.25 -1.76 9.21
C GLN A 281 -1.07 -0.28 8.89
N PHE A 282 -1.96 0.56 9.42
CA PHE A 282 -2.03 1.95 8.99
C PHE A 282 -1.93 2.97 10.12
N GLU A 283 -1.45 2.55 11.28
CA GLU A 283 -1.34 3.45 12.42
C GLU A 283 -0.32 4.56 12.19
N HIS A 284 0.65 4.32 11.32
CA HIS A 284 1.67 5.32 11.03
C HIS A 284 1.36 6.07 9.73
N MET A 285 0.30 5.65 9.05
CA MET A 285 -0.07 6.24 7.77
C MET A 285 -1.35 7.06 7.88
N GLY A 286 -2.46 6.39 8.15
CA GLY A 286 -3.75 7.04 8.25
C GLY A 286 -4.46 7.12 6.91
N LEU A 287 -5.32 6.16 6.65
CA LEU A 287 -6.11 6.16 5.43
C LEU A 287 -7.28 7.13 5.53
N TRP A 288 -7.59 7.78 4.41
CA TRP A 288 -8.79 8.61 4.24
C TRP A 288 -8.89 9.83 5.17
N ASP A 289 -7.75 10.30 5.68
CA ASP A 289 -7.76 11.58 6.39
C ASP A 289 -7.94 12.68 5.36
N LYS A 290 -8.51 13.81 5.77
CA LYS A 290 -8.78 14.91 4.84
C LYS A 290 -8.14 16.21 5.31
N PRO A 295 6.58 20.04 11.00
CA PRO A 295 7.82 19.25 11.07
C PRO A 295 7.55 17.76 10.80
N LEU A 296 6.98 17.11 11.81
CA LEU A 296 6.82 15.64 11.91
C LEU A 296 7.12 15.29 13.35
N ASP A 297 6.12 14.88 14.11
CA ASP A 297 6.36 14.40 15.47
C ASP A 297 7.07 13.05 15.37
N LEU A 298 8.39 13.10 15.28
CA LEU A 298 9.21 11.91 15.08
C LEU A 298 8.99 10.88 16.17
N ILE A 299 8.79 11.36 17.40
CA ILE A 299 8.65 10.49 18.56
C ILE A 299 7.33 9.70 18.49
N GLU A 300 6.29 10.31 17.95
CA GLU A 300 5.04 9.59 17.70
C GLU A 300 5.26 8.46 16.71
N LEU A 301 6.07 8.73 15.69
CA LEU A 301 6.38 7.72 14.68
C LEU A 301 7.24 6.62 15.28
N LYS A 302 8.12 7.00 16.21
CA LYS A 302 8.92 6.02 16.94
C LYS A 302 8.04 5.06 17.71
N THR A 303 7.13 5.62 18.50
CA THR A 303 6.25 4.84 19.37
C THR A 303 5.43 3.84 18.57
N ILE A 304 4.88 4.29 17.45
CA ILE A 304 4.01 3.45 16.64
C ILE A 304 4.77 2.27 16.01
N LEU A 305 5.87 2.57 15.32
CA LEU A 305 6.65 1.53 14.65
C LEU A 305 7.29 0.57 15.64
N THR A 306 7.67 1.09 16.81
CA THR A 306 8.28 0.27 17.85
C THR A 306 7.24 -0.67 18.48
N ASN A 307 6.03 -0.16 18.69
CA ASN A 307 4.92 -0.97 19.19
C ASN A 307 4.73 -2.22 18.33
N TRP A 308 4.77 -2.04 17.02
CA TRP A 308 4.55 -3.14 16.09
C TRP A 308 5.75 -4.08 16.04
N GLN A 309 6.95 -3.52 16.20
CA GLN A 309 8.14 -4.34 16.27
C GLN A 309 8.15 -5.20 17.53
N ASN A 310 7.97 -4.57 18.69
CA ASN A 310 7.90 -5.29 19.96
C ASN A 310 6.69 -6.21 20.03
N GLY A 311 5.56 -5.75 19.50
CA GLY A 311 4.31 -6.47 19.60
C GLY A 311 4.25 -7.78 18.83
N LEU A 312 4.83 -7.80 17.63
CA LEU A 312 4.77 -8.99 16.79
C LEU A 312 5.88 -9.98 17.13
N GLU A 313 6.99 -9.45 17.66
CA GLU A 313 8.10 -10.27 18.13
C GLU A 313 7.64 -11.18 19.26
N LYS A 314 6.69 -10.68 20.04
CA LYS A 314 6.19 -11.36 21.23
C LYS A 314 5.25 -12.52 20.88
N ILE A 315 4.62 -12.46 19.71
CA ILE A 315 3.70 -13.50 19.28
C ILE A 315 4.19 -14.22 18.02
N ASN A 316 5.46 -14.00 17.67
CA ASN A 316 6.05 -14.56 16.46
C ASN A 316 5.29 -14.17 15.20
N GLY A 317 4.89 -12.91 15.13
CA GLY A 317 4.27 -12.38 13.92
C GLY A 317 5.35 -11.81 13.01
N TRP A 318 4.95 -11.39 11.81
CA TRP A 318 5.90 -10.80 10.87
C TRP A 318 5.35 -9.50 10.30
N ASN A 319 6.16 -8.44 10.38
CA ASN A 319 5.75 -7.12 9.91
C ASN A 319 5.89 -6.93 8.41
N ALA A 320 4.93 -6.25 7.82
CA ALA A 320 5.06 -5.76 6.45
C ALA A 320 5.53 -4.31 6.52
N LEU A 321 6.75 -4.06 6.04
CA LEU A 321 7.35 -2.75 6.14
C LEU A 321 7.12 -1.92 4.87
N TYR A 322 6.59 -0.71 5.05
CA TYR A 322 6.31 0.17 3.92
C TYR A 322 6.15 1.62 4.36
N LEU A 323 6.28 2.54 3.41
CA LEU A 323 6.02 3.95 3.65
C LEU A 323 5.15 4.52 2.53
N GLU A 324 5.00 3.76 1.46
CA GLU A 324 4.21 4.22 0.31
C GLU A 324 3.33 3.13 -0.29
N ASN A 325 2.26 3.56 -0.94
CA ASN A 325 1.46 2.71 -1.81
C ASN A 325 0.53 3.57 -2.66
N HIS A 326 -0.35 2.94 -3.42
CA HIS A 326 -1.23 3.65 -4.34
C HIS A 326 -2.36 4.41 -3.63
N ASP A 327 -2.50 4.22 -2.32
CA ASP A 327 -3.56 4.86 -1.56
C ASP A 327 -3.03 6.00 -0.68
N GLN A 328 -1.75 6.31 -0.79
CA GLN A 328 -1.13 7.32 0.05
C GLN A 328 -0.44 8.38 -0.79
N ILE A 329 0.12 9.39 -0.12
CA ILE A 329 0.96 10.37 -0.80
C ILE A 329 2.41 9.91 -0.76
N ARG A 330 3.27 10.59 -1.51
CA ARG A 330 4.69 10.23 -1.55
C ARG A 330 5.35 10.45 -0.20
N SER A 331 6.25 9.55 0.17
CA SER A 331 6.87 9.55 1.50
C SER A 331 7.75 10.77 1.75
N VAL A 332 8.40 11.26 0.70
CA VAL A 332 9.24 12.45 0.81
C VAL A 332 8.43 13.62 1.34
N ASN A 333 7.20 13.77 0.85
CA ASN A 333 6.31 14.81 1.32
C ASN A 333 5.75 14.51 2.71
N LYS A 334 5.43 13.25 2.95
CA LYS A 334 4.79 12.86 4.20
C LYS A 334 5.76 12.78 5.38
N PHE A 335 6.96 12.25 5.13
CA PHE A 335 7.90 11.99 6.21
C PHE A 335 9.22 12.74 6.07
N GLY A 336 9.55 13.15 4.85
CA GLY A 336 10.82 13.82 4.62
C GLY A 336 10.69 15.30 4.35
N SER A 337 11.51 15.80 3.43
CA SER A 337 11.50 17.21 3.07
C SER A 337 11.79 17.42 1.58
N THR A 338 11.01 18.29 0.95
CA THR A 338 11.21 18.59 -0.46
C THR A 338 12.44 19.49 -0.64
N ALA A 339 12.90 20.07 0.45
CA ALA A 339 14.10 20.90 0.43
C ALA A 339 15.36 20.04 0.50
N TYR A 340 15.19 18.81 0.98
CA TYR A 340 16.27 17.83 0.99
C TYR A 340 15.75 16.53 0.41
N ARG A 341 15.20 16.60 -0.81
CA ARG A 341 14.52 15.48 -1.43
C ARG A 341 15.37 14.23 -1.53
N VAL A 342 16.53 14.35 -2.17
CA VAL A 342 17.43 13.22 -2.38
C VAL A 342 17.89 12.61 -1.07
N GLU A 343 18.32 13.46 -0.14
CA GLU A 343 18.85 13.00 1.14
C GLU A 343 17.78 12.35 2.02
N SER A 344 16.64 12.99 2.15
CA SER A 344 15.58 12.49 3.03
C SER A 344 14.98 11.19 2.50
N ALA A 345 14.93 11.05 1.17
CA ALA A 345 14.42 9.83 0.55
C ALA A 345 15.30 8.62 0.90
N LYS A 346 16.61 8.84 0.99
CA LYS A 346 17.53 7.79 1.39
C LYS A 346 17.43 7.54 2.89
N CYS A 347 17.33 8.63 3.65
CA CYS A 347 17.18 8.54 5.09
C CYS A 347 15.93 7.75 5.44
N LEU A 348 14.84 8.05 4.74
CA LEU A 348 13.59 7.33 4.91
C LEU A 348 13.71 5.87 4.51
N ALA A 349 14.45 5.63 3.44
CA ALA A 349 14.67 4.28 2.94
C ALA A 349 15.28 3.41 4.03
N ALA A 350 16.48 3.79 4.49
CA ALA A 350 17.18 3.05 5.53
C ALA A 350 16.33 2.87 6.79
N LEU A 351 15.53 3.88 7.11
CA LEU A 351 14.71 3.87 8.32
C LEU A 351 13.71 2.73 8.36
N TYR A 352 12.88 2.61 7.32
CA TYR A 352 11.81 1.61 7.33
C TYR A 352 12.26 0.27 6.78
N PHE A 353 13.25 0.28 5.90
CA PHE A 353 13.69 -0.91 5.18
C PHE A 353 14.44 -1.88 6.08
N LEU A 354 15.20 -1.35 7.03
CA LEU A 354 16.10 -2.19 7.82
C LEU A 354 15.53 -2.55 9.19
N MET A 355 14.21 -2.42 9.34
CA MET A 355 13.55 -2.94 10.53
C MET A 355 13.23 -4.41 10.32
N LYS A 356 12.81 -5.10 11.37
CA LYS A 356 12.49 -6.51 11.24
C LYS A 356 11.15 -6.69 10.55
N GLY A 357 11.18 -7.32 9.37
CA GLY A 357 9.98 -7.55 8.60
C GLY A 357 10.28 -7.67 7.12
N THR A 358 9.23 -7.70 6.30
CA THR A 358 9.39 -7.76 4.86
C THR A 358 9.10 -6.40 4.24
N PRO A 359 10.13 -5.76 3.69
CA PRO A 359 10.01 -4.41 3.12
C PRO A 359 9.34 -4.40 1.74
N PHE A 360 8.45 -3.43 1.54
CA PHE A 360 7.78 -3.25 0.26
C PHE A 360 8.22 -1.94 -0.37
N ILE A 361 8.48 -1.98 -1.67
CA ILE A 361 8.84 -0.77 -2.41
C ILE A 361 7.77 -0.42 -3.44
N TYR A 362 7.18 0.76 -3.31
CA TYR A 362 6.18 1.22 -4.27
C TYR A 362 6.88 1.91 -5.44
N GLN A 363 6.32 1.77 -6.63
CA GLN A 363 6.95 2.32 -7.83
C GLN A 363 7.17 3.82 -7.72
N GLY A 364 8.39 4.25 -8.02
CA GLY A 364 8.75 5.66 -7.92
C GLY A 364 9.40 6.03 -6.59
N GLN A 365 9.13 5.23 -5.56
CA GLN A 365 9.70 5.47 -4.24
C GLN A 365 11.22 5.37 -4.27
N GLU A 366 11.73 4.46 -5.10
CA GLU A 366 13.16 4.26 -5.21
C GLU A 366 13.82 5.38 -6.00
N LEU A 367 13.01 6.25 -6.58
CA LEU A 367 13.52 7.41 -7.31
C LEU A 367 13.43 8.67 -6.45
N GLY A 368 12.67 8.59 -5.38
CA GLY A 368 12.41 9.75 -4.55
C GLY A 368 11.42 10.68 -5.23
N MET A 369 10.39 10.12 -5.85
CA MET A 369 9.35 10.91 -6.49
C MET A 369 8.51 11.61 -5.44
N THR A 370 8.04 12.81 -5.78
CA THR A 370 7.29 13.63 -4.83
C THR A 370 5.87 13.92 -5.30
N ASN A 371 5.10 14.60 -4.45
CA ASN A 371 3.73 14.97 -4.78
C ASN A 371 3.65 15.90 -5.99
N VAL A 372 2.46 16.03 -6.55
CA VAL A 372 2.26 16.87 -7.72
C VAL A 372 1.13 17.86 -7.45
N LYS A 373 1.18 19.01 -8.12
CA LYS A 373 0.20 20.07 -7.89
C LYS A 373 -0.51 20.52 -9.16
N PHE A 374 -1.58 19.81 -9.52
CA PHE A 374 -2.39 20.18 -10.66
C PHE A 374 -3.49 21.15 -10.23
N ASP A 375 -3.77 22.14 -11.08
CA ASP A 375 -4.69 23.21 -10.71
C ASP A 375 -6.15 22.85 -10.92
N SER A 376 -6.43 22.02 -11.92
CA SER A 376 -7.80 21.67 -12.26
C SER A 376 -8.23 20.33 -11.65
N ILE A 377 -9.46 20.28 -11.16
CA ILE A 377 -10.02 19.06 -10.62
C ILE A 377 -10.21 18.04 -11.76
N ASP A 378 -10.26 18.54 -12.98
CA ASP A 378 -10.39 17.69 -14.16
C ASP A 378 -9.10 16.92 -14.43
N ASP A 379 -7.99 17.42 -13.89
CA ASP A 379 -6.70 16.76 -14.06
C ASP A 379 -6.56 15.56 -13.11
N TYR A 380 -7.51 15.42 -12.19
CA TYR A 380 -7.46 14.33 -11.22
C TYR A 380 -8.47 13.25 -11.56
N ASP A 381 -8.32 12.09 -10.93
CA ASP A 381 -9.07 10.90 -11.29
C ASP A 381 -9.71 10.18 -10.11
N ASP A 382 -9.09 10.29 -8.94
CA ASP A 382 -9.54 9.59 -7.74
C ASP A 382 -11.00 9.85 -7.42
N VAL A 383 -11.82 8.80 -7.55
CA VAL A 383 -13.25 8.87 -7.31
C VAL A 383 -13.56 9.45 -5.92
N GLY A 384 -12.66 9.22 -4.97
CA GLY A 384 -12.83 9.74 -3.62
C GLY A 384 -12.73 11.25 -3.56
N MET A 385 -11.67 11.80 -4.14
CA MET A 385 -11.44 13.25 -4.08
C MET A 385 -12.35 14.02 -5.03
N ILE A 386 -12.78 13.38 -6.12
CA ILE A 386 -13.72 14.02 -7.04
C ILE A 386 -15.07 14.21 -6.37
N ASN A 387 -15.52 13.20 -5.63
CA ASN A 387 -16.74 13.29 -4.84
C ASN A 387 -16.59 14.31 -3.71
N TYR A 388 -15.43 14.28 -3.05
CA TYR A 388 -15.14 15.20 -1.97
C TYR A 388 -15.19 16.65 -2.45
N TYR A 389 -14.61 16.91 -3.61
CA TYR A 389 -14.64 18.24 -4.21
C TYR A 389 -16.08 18.71 -4.39
N ARG A 390 -16.88 17.88 -5.06
CA ARG A 390 -18.27 18.21 -5.37
C ARG A 390 -19.07 18.53 -4.11
N ILE A 391 -18.99 17.65 -3.12
CA ILE A 391 -19.72 17.82 -1.87
C ILE A 391 -19.29 19.08 -1.12
N GLN A 392 -17.99 19.21 -0.86
CA GLN A 392 -17.46 20.33 -0.09
C GLN A 392 -17.67 21.68 -0.76
N ARG A 393 -17.61 21.69 -2.09
CA ARG A 393 -17.81 22.93 -2.84
C ARG A 393 -19.25 23.41 -2.71
N GLU A 394 -20.19 22.46 -2.71
CA GLU A 394 -21.60 22.79 -2.54
C GLU A 394 -21.85 23.36 -1.14
N LYS A 395 -21.07 22.89 -0.18
CA LYS A 395 -21.21 23.33 1.20
C LYS A 395 -20.57 24.70 1.45
N GLY A 396 -19.80 25.17 0.47
CA GLY A 396 -19.24 26.52 0.56
C GLY A 396 -17.72 26.61 0.67
N ASP A 397 -17.04 25.48 0.58
CA ASP A 397 -15.57 25.49 0.57
C ASP A 397 -15.06 26.11 -0.72
N SER A 398 -14.00 26.90 -0.64
CA SER A 398 -13.43 27.52 -1.82
C SER A 398 -12.64 26.49 -2.62
N HIS A 399 -12.38 26.81 -3.88
CA HIS A 399 -11.59 25.94 -4.74
C HIS A 399 -10.20 25.70 -4.14
N ASP A 400 -9.60 26.77 -3.62
CA ASP A 400 -8.27 26.68 -3.03
C ASP A 400 -8.24 25.80 -1.79
N GLU A 401 -9.29 25.91 -0.95
CA GLU A 401 -9.39 25.11 0.26
C GLU A 401 -9.42 23.61 -0.05
N ILE A 402 -10.18 23.25 -1.08
CA ILE A 402 -10.34 21.86 -1.46
C ILE A 402 -9.08 21.31 -2.13
N MET A 403 -8.49 22.11 -3.02
CA MET A 403 -7.28 21.69 -3.71
C MET A 403 -6.13 21.51 -2.73
N LYS A 404 -6.14 22.29 -1.65
CA LYS A 404 -5.15 22.16 -0.60
C LYS A 404 -5.21 20.77 0.01
N VAL A 405 -6.42 20.32 0.32
CA VAL A 405 -6.63 18.98 0.85
C VAL A 405 -6.21 17.93 -0.17
N ILE A 406 -6.60 18.12 -1.43
CA ILE A 406 -6.26 17.17 -2.48
C ILE A 406 -4.74 17.06 -2.67
N TRP A 407 -4.06 18.19 -2.65
CA TRP A 407 -2.62 18.24 -2.88
C TRP A 407 -1.81 17.58 -1.75
N GLU A 408 -2.23 17.82 -0.51
CA GLU A 408 -1.47 17.37 0.64
C GLU A 408 -1.87 15.99 1.14
N THR A 409 -2.89 15.41 0.52
CA THR A 409 -3.57 14.26 1.11
C THR A 409 -4.10 13.27 0.06
N GLY A 410 -4.46 13.77 -1.10
CA GLY A 410 -5.00 12.92 -2.15
C GLY A 410 -4.05 11.83 -2.63
N ARG A 411 -4.56 10.61 -2.75
CA ARG A 411 -3.76 9.46 -3.13
C ARG A 411 -3.31 9.51 -4.59
N ASP A 412 -3.93 10.37 -5.39
CA ASP A 412 -3.54 10.57 -6.79
C ASP A 412 -2.09 11.03 -6.93
N ASN A 413 -1.53 11.54 -5.84
CA ASN A 413 -0.12 11.92 -5.80
C ASN A 413 0.80 10.75 -6.13
N SER A 414 0.31 9.53 -5.90
CA SER A 414 1.11 8.32 -6.08
C SER A 414 0.77 7.59 -7.37
N ARG A 415 -0.04 8.20 -8.23
CA ARG A 415 -0.52 7.49 -9.40
C ARG A 415 -0.13 8.16 -10.72
N THR A 416 0.67 9.21 -10.64
CA THR A 416 1.26 9.81 -11.83
C THR A 416 2.25 8.81 -12.43
N PRO A 417 2.37 8.81 -13.77
CA PRO A 417 3.21 7.85 -14.51
C PRO A 417 4.62 7.67 -13.95
N MET A 418 5.11 6.43 -14.02
CA MET A 418 6.48 6.12 -13.63
C MET A 418 7.45 6.91 -14.50
N GLN A 419 8.45 7.51 -13.87
CA GLN A 419 9.34 8.42 -14.58
C GLN A 419 10.64 7.73 -14.97
N TRP A 420 10.70 7.28 -16.22
CA TRP A 420 11.80 6.45 -16.70
C TRP A 420 12.98 7.26 -17.24
N ASN A 421 12.70 8.28 -18.04
CA ASN A 421 13.75 9.11 -18.61
C ASN A 421 13.33 10.57 -18.79
N THR A 422 14.07 11.29 -19.63
CA THR A 422 13.80 12.70 -19.85
C THR A 422 13.03 12.95 -21.15
N GLU A 423 12.64 11.88 -21.84
CA GLU A 423 11.90 12.02 -23.09
C GLU A 423 10.42 12.31 -22.81
N LYS A 424 9.63 12.39 -23.87
CA LYS A 424 8.21 12.74 -23.75
C LYS A 424 7.48 11.80 -22.79
N ASN A 425 6.75 12.40 -21.85
CA ASN A 425 6.03 11.67 -20.80
C ASN A 425 6.96 10.81 -19.95
N ALA A 426 8.20 11.25 -19.82
CA ALA A 426 9.22 10.53 -19.05
C ALA A 426 9.41 9.10 -19.53
N GLY A 427 9.08 8.84 -20.79
CA GLY A 427 9.28 7.53 -21.39
C GLY A 427 8.21 6.52 -21.00
N PHE A 428 7.19 6.98 -20.29
CA PHE A 428 6.11 6.11 -19.86
C PHE A 428 5.16 5.77 -21.00
N SER A 429 4.98 6.70 -21.93
CA SER A 429 4.06 6.51 -23.04
C SER A 429 4.35 7.45 -24.20
N THR A 430 4.06 6.98 -25.41
CA THR A 430 4.21 7.81 -26.61
C THR A 430 2.94 8.62 -26.85
N GLY A 431 1.88 8.26 -26.15
CA GLY A 431 0.60 8.96 -26.30
C GLY A 431 0.36 9.95 -25.17
N ASN A 432 -0.92 10.22 -24.91
CA ASN A 432 -1.30 11.11 -23.83
C ASN A 432 -1.66 10.31 -22.58
N PRO A 433 -0.81 10.39 -21.55
CA PRO A 433 -1.01 9.61 -20.33
C PRO A 433 -2.39 9.82 -19.72
N TRP A 434 -2.96 8.76 -19.15
CA TRP A 434 -4.28 8.82 -18.53
C TRP A 434 -4.27 9.80 -17.36
N MET A 435 -3.08 10.01 -16.80
CA MET A 435 -2.86 10.94 -15.71
C MET A 435 -1.56 11.68 -16.01
N LYS A 436 -1.58 13.01 -15.87
CA LYS A 436 -0.41 13.81 -16.26
C LYS A 436 0.85 13.44 -15.48
N VAL A 437 1.97 13.43 -16.17
CA VAL A 437 3.26 13.15 -15.57
C VAL A 437 3.68 14.35 -14.71
N ASN A 438 4.39 14.07 -13.62
CA ASN A 438 4.94 15.13 -12.78
C ASN A 438 6.03 15.87 -13.56
N PRO A 439 5.89 17.19 -13.69
CA PRO A 439 6.83 18.06 -14.41
C PRO A 439 8.29 17.90 -13.99
N ASN A 440 8.53 17.43 -12.77
CA ASN A 440 9.91 17.31 -12.27
C ASN A 440 10.62 16.07 -12.78
N TYR A 441 10.08 15.43 -13.81
CA TYR A 441 10.70 14.21 -14.36
C TYR A 441 12.01 14.54 -15.07
N VAL A 442 12.16 15.80 -15.49
CA VAL A 442 13.39 16.24 -16.14
C VAL A 442 14.57 16.21 -15.16
N ASP A 443 14.25 16.13 -13.87
CA ASP A 443 15.25 16.04 -12.82
C ASP A 443 15.21 14.67 -12.14
N ILE A 444 14.04 14.04 -12.15
CA ILE A 444 13.86 12.77 -11.45
C ILE A 444 13.41 11.65 -12.38
N ASN A 445 14.35 10.76 -12.72
CA ASN A 445 14.06 9.65 -13.61
C ASN A 445 15.07 8.52 -13.48
N VAL A 446 14.66 7.33 -13.93
CA VAL A 446 15.48 6.13 -13.84
C VAL A 446 16.81 6.25 -14.57
N GLU A 447 16.76 6.69 -15.82
CA GLU A 447 17.97 6.86 -16.63
C GLU A 447 19.07 7.64 -15.91
N GLU A 448 18.70 8.77 -15.34
CA GLU A 448 19.66 9.64 -14.67
C GLU A 448 20.20 9.01 -13.40
N GLN A 449 19.35 8.33 -12.64
CA GLN A 449 19.73 7.79 -11.34
C GLN A 449 20.53 6.48 -11.43
N LYS A 450 20.43 5.80 -12.58
CA LYS A 450 21.19 4.59 -12.80
C LYS A 450 22.69 4.86 -12.86
N SER A 451 23.07 5.96 -13.49
CA SER A 451 24.47 6.27 -13.73
C SER A 451 25.09 7.11 -12.62
N ASP A 452 24.26 7.57 -11.69
CA ASP A 452 24.74 8.33 -10.54
C ASP A 452 24.81 7.40 -9.34
N LYS A 453 26.02 7.05 -8.92
CA LYS A 453 26.24 6.09 -7.85
C LYS A 453 25.68 6.57 -6.51
N ASN A 454 25.42 7.87 -6.40
CA ASN A 454 24.87 8.43 -5.17
C ASN A 454 23.37 8.73 -5.28
N SER A 455 22.73 8.16 -6.29
CA SER A 455 21.29 8.41 -6.49
C SER A 455 20.45 7.63 -5.48
N VAL A 456 19.17 7.96 -5.43
CA VAL A 456 18.23 7.27 -4.55
C VAL A 456 18.09 5.81 -4.99
N LEU A 457 18.07 5.60 -6.31
CA LEU A 457 17.94 4.27 -6.88
C LEU A 457 19.07 3.34 -6.43
N ASN A 458 20.30 3.80 -6.58
CA ASN A 458 21.45 2.99 -6.22
C ASN A 458 21.57 2.79 -4.71
N PHE A 459 20.95 3.70 -3.95
CA PHE A 459 20.92 3.57 -2.50
C PHE A 459 20.02 2.41 -2.09
N TYR A 460 18.90 2.27 -2.79
CA TYR A 460 17.99 1.15 -2.55
C TYR A 460 18.63 -0.17 -2.96
N LYS A 461 19.44 -0.14 -4.01
CA LYS A 461 20.19 -1.32 -4.44
C LYS A 461 21.15 -1.80 -3.36
N GLN A 462 21.81 -0.84 -2.70
CA GLN A 462 22.72 -1.15 -1.61
C GLN A 462 21.96 -1.73 -0.42
N LEU A 463 20.82 -1.13 -0.11
CA LEU A 463 19.98 -1.60 1.00
C LEU A 463 19.52 -3.03 0.80
N ILE A 464 19.02 -3.32 -0.40
CA ILE A 464 18.58 -4.67 -0.74
C ILE A 464 19.74 -5.65 -0.63
N LYS A 465 20.91 -5.21 -1.10
CA LYS A 465 22.11 -6.05 -1.09
C LYS A 465 22.60 -6.38 0.32
N ILE A 466 22.70 -5.36 1.17
CA ILE A 466 23.22 -5.57 2.52
C ILE A 466 22.25 -6.36 3.38
N ARG A 467 20.96 -6.25 3.09
CA ARG A 467 19.95 -7.01 3.82
C ARG A 467 20.05 -8.49 3.46
N LYS A 468 20.39 -8.75 2.21
CA LYS A 468 20.51 -10.13 1.71
C LYS A 468 21.80 -10.78 2.17
N GLN A 469 22.82 -9.95 2.43
CA GLN A 469 24.13 -10.45 2.80
C GLN A 469 24.31 -10.59 4.31
N HIS A 470 23.44 -9.97 5.08
CA HIS A 470 23.57 -9.98 6.54
C HIS A 470 22.27 -10.41 7.21
N ASP A 471 22.27 -11.64 7.74
CA ASP A 471 21.08 -12.23 8.35
C ASP A 471 20.55 -11.43 9.53
N VAL A 472 21.42 -10.65 10.16
CA VAL A 472 21.03 -9.81 11.28
C VAL A 472 19.97 -8.78 10.85
N LEU A 473 20.04 -8.37 9.58
CA LEU A 473 19.11 -7.38 9.05
C LEU A 473 17.76 -8.00 8.70
N VAL A 474 17.69 -9.33 8.74
CA VAL A 474 16.44 -10.03 8.45
C VAL A 474 15.79 -10.59 9.71
N TYR A 475 16.58 -11.28 10.53
CA TYR A 475 16.02 -11.98 11.69
C TYR A 475 16.43 -11.37 13.02
N GLY A 476 17.28 -10.33 12.98
CA GLY A 476 17.74 -9.68 14.19
C GLY A 476 16.66 -8.97 14.98
N THR A 477 16.75 -9.05 16.30
CA THR A 477 15.81 -8.39 17.21
C THR A 477 15.97 -6.88 17.17
N TYR A 478 14.84 -6.18 17.13
CA TYR A 478 14.80 -4.73 17.07
C TYR A 478 14.85 -4.10 18.47
N LYS A 479 15.63 -3.04 18.62
CA LYS A 479 15.60 -2.24 19.85
C LYS A 479 15.76 -0.76 19.54
N LEU A 480 14.90 0.06 20.14
CA LEU A 480 14.91 1.50 19.93
C LEU A 480 15.96 2.19 20.80
N LEU A 481 16.78 3.01 20.16
CA LEU A 481 17.78 3.82 20.87
C LEU A 481 17.37 5.28 20.89
N ALA A 482 17.83 6.00 21.92
CA ALA A 482 17.67 7.46 22.01
C ALA A 482 16.25 7.91 21.72
N GLU A 483 15.29 7.38 22.48
CA GLU A 483 13.87 7.65 22.26
C GLU A 483 13.51 9.13 22.35
N GLU A 484 14.15 9.85 23.26
CA GLU A 484 13.78 11.23 23.55
C GLU A 484 14.29 12.26 22.54
N ASP A 485 15.21 11.86 21.68
CA ASP A 485 15.75 12.78 20.67
C ASP A 485 14.71 13.03 19.59
N SER A 486 14.29 14.28 19.45
CA SER A 486 13.21 14.64 18.53
C SER A 486 13.67 14.72 17.08
N ALA A 487 14.97 14.55 16.84
CA ALA A 487 15.51 14.66 15.49
C ALA A 487 16.10 13.35 14.99
N ILE A 488 16.66 12.55 15.91
CA ILE A 488 17.35 11.33 15.54
C ILE A 488 16.54 10.07 15.82
N TYR A 489 16.30 9.28 14.77
CA TYR A 489 15.76 7.95 14.95
C TYR A 489 16.90 6.95 14.83
N ALA A 490 17.25 6.33 15.95
CA ALA A 490 18.29 5.31 15.98
C ALA A 490 17.74 4.03 16.57
N TYR A 491 18.14 2.90 15.98
CA TYR A 491 17.74 1.60 16.50
C TYR A 491 18.76 0.53 16.14
N THR A 492 18.76 -0.57 16.88
CA THR A 492 19.67 -1.66 16.61
C THR A 492 18.96 -2.92 16.16
N ARG A 493 19.70 -3.76 15.44
CA ARG A 493 19.25 -5.11 15.09
C ARG A 493 20.28 -6.09 15.64
N THR A 494 19.82 -7.05 16.43
CA THR A 494 20.75 -7.96 17.10
C THR A 494 20.48 -9.43 16.80
N LEU A 495 21.52 -10.12 16.34
CA LEU A 495 21.45 -11.55 16.06
C LEU A 495 22.81 -12.18 16.37
N GLU A 496 22.84 -13.01 17.41
CA GLU A 496 24.08 -13.66 17.86
C GLU A 496 25.17 -12.64 18.19
N GLY A 497 26.32 -12.80 17.55
CA GLY A 497 27.44 -11.91 17.78
C GLY A 497 27.48 -10.76 16.80
N LYS A 498 26.33 -10.48 16.19
CA LYS A 498 26.22 -9.38 15.23
C LYS A 498 25.16 -8.37 15.64
N THR A 499 25.56 -7.11 15.73
CA THR A 499 24.64 -6.02 16.03
C THR A 499 24.73 -4.94 14.97
N ALA A 500 23.60 -4.65 14.32
CA ALA A 500 23.54 -3.59 13.32
C ALA A 500 22.97 -2.32 13.92
N VAL A 501 23.66 -1.21 13.74
CA VAL A 501 23.20 0.08 14.27
C VAL A 501 22.72 0.99 13.16
N VAL A 502 21.42 1.26 13.14
CA VAL A 502 20.82 2.09 12.12
C VAL A 502 20.56 3.51 12.64
N ILE A 503 21.28 4.48 12.09
CA ILE A 503 21.14 5.87 12.53
C ILE A 503 20.56 6.73 11.43
N CYS A 504 19.50 7.47 11.74
CA CYS A 504 18.84 8.33 10.78
C CYS A 504 18.53 9.70 11.37
N ASN A 505 19.11 10.74 10.77
CA ASN A 505 18.82 12.11 11.18
C ASN A 505 17.54 12.62 10.51
N MET A 506 16.41 12.38 11.16
CA MET A 506 15.12 12.77 10.60
C MET A 506 14.81 14.25 10.82
N SER A 507 15.70 15.12 10.33
CA SER A 507 15.52 16.56 10.45
C SER A 507 16.25 17.27 9.31
N PRO A 508 15.76 18.45 8.91
CA PRO A 508 16.42 19.25 7.87
C PRO A 508 17.60 20.04 8.39
N ASN A 509 18.18 19.62 9.51
CA ASN A 509 19.29 20.34 10.12
C ASN A 509 20.46 19.45 10.49
N ASN A 510 21.63 20.05 10.62
CA ASN A 510 22.78 19.38 11.23
C ASN A 510 22.44 18.99 12.66
N GLN A 511 22.90 17.83 13.10
CA GLN A 511 22.63 17.37 14.46
C GLN A 511 23.85 16.67 15.04
N THR A 512 24.03 16.83 16.35
CA THR A 512 25.05 16.09 17.08
C THR A 512 24.41 14.90 17.76
N PHE A 513 25.18 13.81 17.88
CA PHE A 513 24.64 12.57 18.41
C PHE A 513 25.75 11.64 18.88
N GLU A 514 25.72 11.26 20.16
CA GLU A 514 26.69 10.33 20.68
C GLU A 514 26.41 8.92 20.19
N PHE A 515 27.45 8.23 19.78
CA PHE A 515 27.30 6.85 19.32
C PHE A 515 26.85 5.98 20.49
N PRO A 516 25.70 5.32 20.33
CA PRO A 516 25.17 4.44 21.38
C PRO A 516 25.95 3.15 21.45
N SER A 517 27.07 3.17 22.19
CA SER A 517 27.97 2.02 22.25
C SER A 517 27.26 0.78 22.77
N SER A 520 32.44 -2.12 23.19
CA SER A 520 31.82 -3.41 23.42
C SER A 520 31.78 -4.25 22.15
N PHE A 521 32.60 -3.87 21.17
CA PHE A 521 32.68 -4.60 19.92
C PHE A 521 34.14 -4.92 19.56
N THR A 522 34.33 -5.99 18.80
CA THR A 522 35.65 -6.37 18.34
C THR A 522 35.89 -5.87 16.92
N ASN A 523 34.80 -5.48 16.24
CA ASN A 523 34.89 -4.99 14.88
C ASN A 523 33.74 -4.05 14.53
N ILE A 524 34.03 -3.03 13.74
CA ILE A 524 32.99 -2.14 13.24
C ILE A 524 33.19 -1.85 11.76
N GLU A 525 32.08 -1.74 11.03
CA GLU A 525 32.11 -1.56 9.59
C GLU A 525 30.90 -0.74 9.15
N VAL A 526 31.12 0.20 8.22
CA VAL A 526 30.03 1.02 7.71
C VAL A 526 29.40 0.37 6.49
N LEU A 527 28.25 -0.26 6.69
CA LEU A 527 27.55 -0.98 5.63
C LEU A 527 26.99 -0.05 4.56
N ILE A 528 26.47 1.11 4.98
CA ILE A 528 25.88 2.05 4.05
C ILE A 528 25.82 3.45 4.66
N HIS A 529 25.84 4.47 3.79
CA HIS A 529 25.78 5.86 4.21
C HIS A 529 25.45 6.75 3.02
N ASN A 530 24.69 7.81 3.26
CA ASN A 530 24.25 8.68 2.18
C ASN A 530 25.08 9.95 2.04
N TYR A 531 25.93 10.21 3.03
CA TYR A 531 26.87 11.33 2.97
C TYR A 531 28.30 10.81 2.98
N PRO A 532 29.22 11.51 2.29
CA PRO A 532 30.63 11.17 2.34
C PRO A 532 31.14 11.23 3.78
N LEU A 533 32.03 10.32 4.15
CA LEU A 533 32.49 10.21 5.52
C LEU A 533 33.59 11.22 5.83
N ASP A 534 33.37 12.03 6.86
CA ASP A 534 34.36 13.00 7.32
C ASP A 534 35.53 12.28 7.99
N LYS A 535 36.74 12.53 7.48
CA LYS A 535 37.92 11.85 8.00
C LYS A 535 38.22 12.20 9.45
N ASN A 536 38.05 13.48 9.80
CA ASN A 536 38.34 13.95 11.15
C ASN A 536 37.29 13.52 12.17
N GLU A 537 36.11 13.13 11.70
CA GLU A 537 35.01 12.77 12.59
C GLU A 537 35.35 11.52 13.40
N THR A 538 35.04 11.57 14.69
CA THR A 538 35.24 10.42 15.56
C THR A 538 33.93 9.65 15.70
N LEU A 539 34.05 8.34 15.89
CA LEU A 539 32.87 7.47 15.99
C LEU A 539 31.89 7.92 17.08
N GLU A 540 32.42 8.31 18.24
CA GLU A 540 31.57 8.59 19.40
C GLU A 540 30.78 9.87 19.25
N GLN A 541 31.41 10.87 18.63
CA GLN A 541 30.75 12.11 18.28
C GLN A 541 30.28 12.13 16.83
N CYS A 542 29.01 11.82 16.60
CA CYS A 542 28.50 11.88 15.24
C CYS A 542 28.00 13.27 14.94
N THR A 543 28.58 13.89 13.91
CA THR A 543 28.08 15.17 13.42
C THR A 543 27.30 14.93 12.13
N LEU A 544 25.99 14.79 12.26
CA LEU A 544 25.14 14.37 11.15
C LEU A 544 24.59 15.53 10.34
N HIS A 545 24.74 15.45 9.02
CA HIS A 545 24.18 16.43 8.11
C HIS A 545 22.66 16.26 8.04
N PRO A 546 21.95 17.25 7.45
CA PRO A 546 20.50 17.09 7.27
C PRO A 546 20.13 15.78 6.57
N TYR A 547 19.32 14.97 7.25
CA TYR A 547 18.86 13.68 6.75
C TYR A 547 20.00 12.73 6.41
N GLU A 548 21.11 12.83 7.15
CA GLU A 548 22.18 11.85 7.03
C GLU A 548 21.78 10.55 7.70
N THR A 549 22.05 9.43 7.02
CA THR A 549 21.79 8.13 7.60
C THR A 549 23.04 7.26 7.54
N ARG A 550 23.26 6.46 8.58
CA ARG A 550 24.41 5.58 8.66
C ARG A 550 24.02 4.23 9.24
N VAL A 551 24.59 3.15 8.69
CA VAL A 551 24.38 1.83 9.26
C VAL A 551 25.72 1.15 9.56
N TYR A 552 25.99 0.95 10.85
CA TYR A 552 27.22 0.29 11.28
C TYR A 552 26.98 -1.17 11.58
N LEU A 553 27.97 -2.01 11.29
CA LEU A 553 27.90 -3.42 11.66
C LEU A 553 28.89 -3.72 12.80
N ILE A 554 28.36 -4.22 13.91
CA ILE A 554 29.15 -4.48 15.09
C ILE A 554 29.32 -5.99 15.31
N SER A 555 30.54 -6.42 15.60
CA SER A 555 30.84 -7.84 15.80
C SER A 555 31.10 -8.17 17.26
#